data_3UF4
#
_entry.id   3UF4
#
_cell.length_a   138.220
_cell.length_b   35.960
_cell.length_c   43.960
_cell.angle_alpha   90.000
_cell.angle_beta   93.560
_cell.angle_gamma   90.000
#
_symmetry.space_group_name_H-M   'C 1 2 1'
#
loop_
_entity.id
_entity.type
_entity.pdbx_description
1 polymer 'Tyrosine-protein kinase Fyn, Isoform 2'
2 non-polymer 'SODIUM ION'
3 non-polymer 'CHLORIDE ION'
4 non-polymer GLYCEROL
5 water water
#
_entity_poly.entity_id   1
_entity_poly.type   'polypeptide(L)'
_entity_poly.pdbx_seq_one_letter_code
;GTGVTLFVALYDYEARTEDDLSFHKGEKFQILNSSEGDWWEARSLTTGETGYIPSNYVAPVDSIQAEEWYFGKLGRKDAE
RQLLSFGNPRGTFLIRESETTKGAYSLSIRDWDD(MSE)KGDHVKHYKIRKLDNGGYYITTRAQFETLQQLVQHYSEKAD
GLCFNLTV
;
_entity_poly.pdbx_strand_id   A
#
loop_
_chem_comp.id
_chem_comp.type
_chem_comp.name
_chem_comp.formula
CL non-polymer 'CHLORIDE ION' 'Cl -1'
GOL non-polymer GLYCEROL 'C3 H8 O3'
NA non-polymer 'SODIUM ION' 'Na 1'
#
# COMPACT_ATOMS: atom_id res chain seq x y z
N THR A 5 -2.31 13.10 -14.57
CA THR A 5 -1.88 12.10 -13.60
C THR A 5 -2.58 10.74 -13.91
N LEU A 6 -1.76 9.73 -14.18
CA LEU A 6 -2.23 8.40 -14.47
C LEU A 6 -2.74 7.71 -13.24
N PHE A 7 -3.65 6.77 -13.44
CA PHE A 7 -4.12 5.87 -12.39
C PHE A 7 -3.64 4.46 -12.74
N VAL A 8 -3.47 3.60 -11.73
CA VAL A 8 -2.96 2.23 -11.87
C VAL A 8 -3.96 1.31 -11.21
N ALA A 9 -4.25 0.16 -11.86
CA ALA A 9 -5.12 -0.88 -11.34
C ALA A 9 -4.47 -1.58 -10.15
N LEU A 10 -5.17 -1.65 -9.01
CA LEU A 10 -4.64 -2.31 -7.80
C LEU A 10 -4.94 -3.82 -7.84
N TYR A 11 -5.97 -4.21 -8.61
CA TYR A 11 -6.46 -5.58 -8.73
C TYR A 11 -6.94 -5.85 -10.11
N ASP A 12 -7.11 -7.14 -10.43
CA ASP A 12 -7.72 -7.58 -11.68
C ASP A 12 -9.22 -7.30 -11.60
N TYR A 13 -9.85 -7.01 -12.74
CA TYR A 13 -11.29 -6.79 -12.81
C TYR A 13 -11.82 -7.26 -14.13
N GLU A 14 -12.93 -8.00 -14.09
CA GLU A 14 -13.64 -8.50 -15.26
C GLU A 14 -14.90 -7.67 -15.47
N ALA A 15 -15.13 -7.15 -16.69
CA ALA A 15 -16.30 -6.33 -17.01
C ALA A 15 -17.61 -7.04 -16.54
N ARG A 16 -18.56 -6.27 -16.01
CA ARG A 16 -19.85 -6.79 -15.51
C ARG A 16 -20.99 -6.25 -16.33
N THR A 17 -20.69 -5.28 -17.20
CA THR A 17 -21.66 -4.65 -18.09
C THR A 17 -20.95 -4.43 -19.42
N GLU A 18 -21.71 -4.07 -20.44
CA GLU A 18 -21.24 -3.78 -21.79
C GLU A 18 -20.29 -2.55 -21.80
N ASP A 19 -20.55 -1.56 -20.92
CA ASP A 19 -19.80 -0.30 -20.88
C ASP A 19 -18.59 -0.37 -19.93
N ASP A 20 -18.37 -1.49 -19.26
CA ASP A 20 -17.22 -1.60 -18.37
C ASP A 20 -15.97 -2.07 -19.09
N LEU A 21 -14.81 -1.67 -18.58
CA LEU A 21 -13.53 -2.20 -19.02
C LEU A 21 -13.14 -3.39 -18.16
N SER A 22 -12.41 -4.33 -18.74
CA SER A 22 -11.72 -5.42 -18.07
C SER A 22 -10.26 -5.01 -17.98
N PHE A 23 -9.59 -5.34 -16.89
CA PHE A 23 -8.18 -4.99 -16.75
C PHE A 23 -7.48 -5.87 -15.74
N HIS A 24 -6.15 -5.89 -15.83
CA HIS A 24 -5.24 -6.62 -14.95
C HIS A 24 -4.52 -5.64 -14.07
N LYS A 25 -4.14 -6.09 -12.89
CA LYS A 25 -3.39 -5.31 -11.91
C LYS A 25 -2.14 -4.68 -12.57
N GLY A 26 -1.91 -3.40 -12.29
CA GLY A 26 -0.78 -2.68 -12.86
C GLY A 26 -1.09 -1.93 -14.14
N GLU A 27 -2.23 -2.21 -14.78
CA GLU A 27 -2.63 -1.53 -16.02
C GLU A 27 -2.88 -0.06 -15.70
N LYS A 28 -2.46 0.83 -16.62
CA LYS A 28 -2.53 2.27 -16.47
C LYS A 28 -3.72 2.86 -17.21
N PHE A 29 -4.27 3.93 -16.62
CA PHE A 29 -5.44 4.63 -17.15
C PHE A 29 -5.38 6.11 -17.01
N GLN A 30 -6.08 6.77 -17.94
CA GLN A 30 -6.39 8.19 -17.87
CA GLN A 30 -6.41 8.19 -17.88
C GLN A 30 -7.85 8.27 -17.43
N ILE A 31 -8.14 9.03 -16.40
CA ILE A 31 -9.54 9.17 -15.95
C ILE A 31 -10.20 10.30 -16.76
N LEU A 32 -11.39 10.03 -17.32
CA LEU A 32 -12.14 10.95 -18.19
C LEU A 32 -13.33 11.59 -17.49
N ASN A 33 -13.96 10.86 -16.57
CA ASN A 33 -15.11 11.38 -15.83
C ASN A 33 -15.23 10.64 -14.49
N SER A 34 -14.98 11.33 -13.39
CA SER A 34 -15.10 10.78 -12.03
C SER A 34 -16.21 11.53 -11.22
N SER A 35 -17.18 12.14 -11.91
CA SER A 35 -18.22 12.93 -11.26
C SER A 35 -19.60 12.23 -11.18
N GLU A 36 -19.75 11.02 -11.77
CA GLU A 36 -21.08 10.40 -11.77
CA GLU A 36 -21.03 10.29 -11.85
C GLU A 36 -21.09 9.12 -10.86
N GLY A 37 -20.38 9.22 -9.73
CA GLY A 37 -20.35 8.16 -8.72
C GLY A 37 -19.08 7.35 -8.53
N ASP A 38 -19.24 6.09 -8.03
CA ASP A 38 -18.18 5.12 -7.67
C ASP A 38 -17.51 4.46 -8.89
N TRP A 39 -18.16 4.55 -10.02
CA TRP A 39 -17.75 4.02 -11.30
C TRP A 39 -17.34 5.17 -12.19
N TRP A 40 -16.04 5.22 -12.51
CA TRP A 40 -15.43 6.26 -13.30
C TRP A 40 -15.27 5.88 -14.75
N GLU A 41 -15.45 6.86 -15.66
CA GLU A 41 -15.13 6.68 -17.08
C GLU A 41 -13.60 6.86 -17.23
N ALA A 42 -12.97 5.92 -17.91
CA ALA A 42 -11.52 5.92 -18.05
C ALA A 42 -11.09 5.45 -19.42
N ARG A 43 -9.84 5.73 -19.80
CA ARG A 43 -9.23 5.17 -21.01
C ARG A 43 -8.05 4.31 -20.61
N SER A 44 -8.07 3.03 -21.02
CA SER A 44 -6.97 2.10 -20.83
C SER A 44 -5.79 2.54 -21.65
N LEU A 45 -4.60 2.61 -21.03
CA LEU A 45 -3.41 2.98 -21.77
C LEU A 45 -2.69 1.72 -22.37
N THR A 46 -3.35 0.55 -22.38
CA THR A 46 -2.85 -0.66 -23.09
C THR A 46 -3.70 -0.88 -24.34
N THR A 47 -5.03 -0.74 -24.24
CA THR A 47 -5.91 -1.02 -25.38
C THR A 47 -6.43 0.26 -26.07
N GLY A 48 -6.41 1.42 -25.41
CA GLY A 48 -6.97 2.65 -25.98
C GLY A 48 -8.49 2.73 -25.82
N GLU A 49 -9.10 1.65 -25.31
CA GLU A 49 -10.55 1.59 -25.08
C GLU A 49 -10.98 2.47 -23.89
N THR A 50 -12.18 3.01 -24.01
CA THR A 50 -12.84 3.89 -23.05
CA THR A 50 -12.81 3.87 -23.02
C THR A 50 -14.02 3.15 -22.45
N GLY A 51 -14.18 3.24 -21.14
CA GLY A 51 -15.27 2.57 -20.47
C GLY A 51 -15.26 2.83 -18.99
N TYR A 52 -16.10 2.11 -18.24
CA TYR A 52 -16.24 2.38 -16.83
C TYR A 52 -15.45 1.39 -16.02
N ILE A 53 -14.87 1.88 -14.91
CA ILE A 53 -14.05 1.07 -14.02
C ILE A 53 -14.47 1.34 -12.59
N PRO A 54 -14.37 0.35 -11.68
CA PRO A 54 -14.68 0.64 -10.26
C PRO A 54 -13.57 1.52 -9.67
N SER A 55 -13.93 2.66 -9.05
CA SER A 55 -12.94 3.62 -8.52
C SER A 55 -12.08 3.03 -7.42
N ASN A 56 -12.60 2.11 -6.59
CA ASN A 56 -11.83 1.50 -5.49
CA ASN A 56 -11.81 1.52 -5.50
C ASN A 56 -10.79 0.49 -6.05
N TYR A 57 -10.78 0.24 -7.36
CA TYR A 57 -9.81 -0.70 -7.95
C TYR A 57 -8.58 0.06 -8.49
N VAL A 58 -8.59 1.40 -8.44
CA VAL A 58 -7.46 2.17 -8.98
C VAL A 58 -6.98 3.20 -7.97
N ALA A 59 -5.77 3.70 -8.18
CA ALA A 59 -5.15 4.73 -7.34
C ALA A 59 -4.20 5.52 -8.18
N PRO A 60 -3.89 6.80 -7.83
CA PRO A 60 -2.91 7.54 -8.62
C PRO A 60 -1.58 6.80 -8.65
N VAL A 61 -0.92 6.78 -9.81
CA VAL A 61 0.34 6.10 -10.02
C VAL A 61 1.42 6.46 -8.94
N ASP A 62 1.56 7.71 -8.53
CA ASP A 62 2.64 7.86 -7.54
C ASP A 62 2.11 7.94 -6.08
N SER A 63 0.89 7.42 -5.82
CA SER A 63 0.28 7.42 -4.47
C SER A 63 0.87 6.34 -3.59
N ILE A 64 0.58 6.46 -2.29
CA ILE A 64 1.02 5.48 -1.31
C ILE A 64 0.19 4.19 -1.54
N GLN A 65 -1.11 4.31 -1.91
CA GLN A 65 -2.02 3.21 -2.22
C GLN A 65 -1.46 2.26 -3.30
N ALA A 66 -0.71 2.80 -4.26
CA ALA A 66 -0.12 2.02 -5.34
C ALA A 66 1.11 1.20 -4.88
N GLU A 67 1.73 1.51 -3.71
CA GLU A 67 2.91 0.75 -3.20
C GLU A 67 2.49 -0.69 -2.86
N GLU A 68 3.30 -1.67 -3.30
CA GLU A 68 3.10 -3.11 -3.09
CA GLU A 68 2.99 -3.08 -3.09
C GLU A 68 3.00 -3.45 -1.61
N TRP A 69 3.81 -2.77 -0.77
CA TRP A 69 3.85 -3.04 0.67
C TRP A 69 2.81 -2.21 1.46
N TYR A 70 2.04 -1.31 0.81
CA TYR A 70 1.05 -0.52 1.53
C TYR A 70 -0.33 -1.19 1.48
N PHE A 71 -0.92 -1.43 2.66
CA PHE A 71 -2.22 -2.06 2.89
C PHE A 71 -3.01 -1.19 3.84
N GLY A 72 -3.43 -0.05 3.33
CA GLY A 72 -4.14 0.99 4.06
C GLY A 72 -4.98 0.62 5.24
N LYS A 73 -6.19 0.14 4.97
CA LYS A 73 -7.24 -0.16 5.94
C LYS A 73 -7.09 -1.54 6.63
N LEU A 74 -5.92 -2.20 6.51
CA LEU A 74 -5.68 -3.50 7.15
C LEU A 74 -5.40 -3.31 8.64
N GLY A 75 -6.10 -4.06 9.49
CA GLY A 75 -5.92 -4.04 10.95
C GLY A 75 -4.68 -4.82 11.40
N ARG A 76 -4.37 -4.76 12.71
CA ARG A 76 -3.22 -5.38 13.39
C ARG A 76 -3.24 -6.92 13.30
N LYS A 77 -4.38 -7.56 13.69
CA LYS A 77 -4.54 -9.01 13.65
C LYS A 77 -4.52 -9.52 12.22
N ASP A 78 -5.20 -8.83 11.28
CA ASP A 78 -5.22 -9.25 9.88
C ASP A 78 -3.86 -9.01 9.21
N ALA A 79 -3.05 -8.05 9.74
CA ALA A 79 -1.66 -7.82 9.27
C ALA A 79 -0.79 -9.01 9.66
N GLU A 80 -1.01 -9.56 10.87
CA GLU A 80 -0.30 -10.74 11.40
C GLU A 80 -0.65 -11.97 10.57
N ARG A 81 -1.95 -12.21 10.33
CA ARG A 81 -2.50 -13.28 9.52
C ARG A 81 -1.95 -13.23 8.08
N GLN A 82 -1.75 -12.01 7.54
CA GLN A 82 -1.23 -11.84 6.18
C GLN A 82 0.27 -12.11 6.11
N LEU A 83 1.06 -11.57 7.07
CA LEU A 83 2.51 -11.77 7.08
C LEU A 83 2.90 -13.17 7.49
N LEU A 84 2.06 -13.87 8.26
CA LEU A 84 2.44 -15.22 8.68
C LEU A 84 1.88 -16.29 7.69
N SER A 85 1.66 -15.86 6.42
CA SER A 85 1.30 -16.73 5.29
C SER A 85 2.54 -17.48 4.84
N PHE A 86 2.35 -18.67 4.23
CA PHE A 86 3.44 -19.53 3.76
C PHE A 86 4.23 -18.84 2.64
N GLY A 87 5.55 -18.97 2.70
CA GLY A 87 6.44 -18.40 1.70
C GLY A 87 7.05 -17.05 2.03
N ASN A 88 6.44 -16.28 2.98
CA ASN A 88 6.97 -14.97 3.35
C ASN A 88 8.19 -15.13 4.27
N PRO A 89 9.43 -14.76 3.85
CA PRO A 89 10.58 -14.91 4.75
C PRO A 89 10.60 -13.88 5.89
N ARG A 90 11.55 -14.05 6.82
CA ARG A 90 11.81 -13.13 7.93
C ARG A 90 12.17 -11.78 7.31
N GLY A 91 11.50 -10.71 7.74
CA GLY A 91 11.73 -9.39 7.15
C GLY A 91 10.65 -8.92 6.20
N THR A 92 9.72 -9.83 5.81
CA THR A 92 8.55 -9.45 4.99
C THR A 92 7.77 -8.44 5.81
N PHE A 93 7.34 -7.34 5.19
CA PHE A 93 6.66 -6.30 5.95
C PHE A 93 5.51 -5.68 5.19
N LEU A 94 4.78 -4.83 5.88
CA LEU A 94 3.72 -4.02 5.30
C LEU A 94 3.51 -2.76 6.11
N ILE A 95 3.06 -1.70 5.45
CA ILE A 95 2.70 -0.49 6.14
C ILE A 95 1.19 -0.45 6.05
N ARG A 96 0.54 -0.06 7.12
CA ARG A 96 -0.91 0.06 7.25
C ARG A 96 -1.22 1.30 8.06
N GLU A 97 -2.46 1.79 8.05
CA GLU A 97 -2.85 2.93 8.88
C GLU A 97 -2.81 2.55 10.35
N SER A 98 -2.52 3.51 11.24
CA SER A 98 -2.52 3.24 12.68
C SER A 98 -3.96 3.09 13.18
N GLU A 99 -4.20 2.10 14.05
CA GLU A 99 -5.55 1.90 14.61
C GLU A 99 -5.79 2.78 15.85
N THR A 100 -4.73 3.45 16.34
CA THR A 100 -4.75 4.28 17.56
C THR A 100 -4.54 5.79 17.30
N THR A 101 -3.82 6.16 16.22
CA THR A 101 -3.58 7.59 15.97
C THR A 101 -3.87 7.92 14.50
N LYS A 102 -4.88 8.78 14.31
CA LYS A 102 -5.25 9.25 12.98
C LYS A 102 -4.06 10.05 12.42
N GLY A 103 -3.66 9.72 11.20
CA GLY A 103 -2.52 10.36 10.54
C GLY A 103 -1.19 9.68 10.81
N ALA A 104 -1.20 8.67 11.71
CA ALA A 104 -0.04 7.85 12.01
C ALA A 104 -0.15 6.51 11.23
N TYR A 105 0.96 5.79 11.16
CA TYR A 105 0.97 4.53 10.44
C TYR A 105 1.63 3.48 11.30
N SER A 106 1.55 2.23 10.86
CA SER A 106 2.18 1.12 11.55
CA SER A 106 2.18 1.13 11.57
C SER A 106 2.94 0.28 10.56
N LEU A 107 4.18 -0.08 10.93
CA LEU A 107 5.08 -0.94 10.18
C LEU A 107 5.05 -2.31 10.86
N SER A 108 4.51 -3.32 10.17
CA SER A 108 4.41 -4.67 10.72
C SER A 108 5.44 -5.52 10.00
N ILE A 109 6.27 -6.24 10.74
CA ILE A 109 7.38 -7.03 10.18
C ILE A 109 7.37 -8.44 10.72
N ARG A 110 7.51 -9.44 9.83
CA ARG A 110 7.64 -10.83 10.19
C ARG A 110 9.04 -11.01 10.78
N ASP A 111 9.09 -11.62 11.95
CA ASP A 111 10.35 -11.85 12.66
C ASP A 111 10.32 -13.24 13.28
N TRP A 112 11.41 -13.61 13.98
CA TRP A 112 11.57 -14.90 14.65
C TRP A 112 12.49 -14.74 15.87
N ASP A 113 12.16 -15.40 16.99
CA ASP A 113 13.03 -15.40 18.17
C ASP A 113 12.87 -16.76 18.93
N ASP A 114 13.61 -16.91 20.05
CA ASP A 114 13.67 -18.11 20.90
C ASP A 114 12.36 -18.36 21.67
N MSE A 115 11.80 -17.33 22.35
CA MSE A 115 10.56 -17.47 23.13
C MSE A 115 9.39 -17.67 22.17
O MSE A 115 8.89 -18.79 22.02
CB MSE A 115 10.35 -16.26 24.06
N LYS A 116 8.99 -16.60 21.45
CA LYS A 116 7.98 -16.63 20.40
C LYS A 116 8.60 -17.33 19.20
N GLY A 117 7.82 -18.01 18.37
CA GLY A 117 8.43 -18.63 17.20
C GLY A 117 8.44 -17.58 16.10
N ASP A 118 7.73 -17.88 15.00
CA ASP A 118 7.49 -16.93 13.94
C ASP A 118 6.45 -15.97 14.44
N HIS A 119 6.79 -14.68 14.50
CA HIS A 119 5.83 -13.70 15.00
C HIS A 119 5.94 -12.41 14.20
N VAL A 120 5.16 -11.40 14.60
CA VAL A 120 5.15 -10.12 13.94
C VAL A 120 5.38 -9.05 15.00
N LYS A 121 6.29 -8.12 14.69
CA LYS A 121 6.56 -6.93 15.49
C LYS A 121 5.91 -5.76 14.76
N HIS A 122 5.30 -4.86 15.52
CA HIS A 122 4.60 -3.68 15.05
C HIS A 122 5.32 -2.43 15.56
N TYR A 123 5.65 -1.51 14.65
CA TYR A 123 6.30 -0.22 14.94
C TYR A 123 5.41 0.91 14.51
N LYS A 124 5.08 1.77 15.43
CA LYS A 124 4.24 2.92 15.14
C LYS A 124 5.07 3.97 14.41
N ILE A 125 4.53 4.50 13.31
CA ILE A 125 5.16 5.55 12.52
C ILE A 125 4.44 6.82 12.84
N ARG A 126 5.08 7.73 13.58
CA ARG A 126 4.49 9.02 13.92
C ARG A 126 4.93 10.08 12.96
N LYS A 127 4.29 11.23 13.02
CA LYS A 127 4.66 12.35 12.17
C LYS A 127 4.78 13.57 13.05
N LEU A 128 5.86 14.31 12.86
CA LEU A 128 6.10 15.55 13.59
C LEU A 128 5.24 16.65 12.96
N ASP A 129 4.88 17.70 13.73
CA ASP A 129 4.05 18.81 13.23
C ASP A 129 4.83 19.62 12.18
N ASN A 130 6.06 20.04 12.52
CA ASN A 130 6.94 20.80 11.62
C ASN A 130 8.05 19.86 11.05
N GLY A 131 7.69 18.59 10.87
CA GLY A 131 8.59 17.56 10.35
C GLY A 131 7.91 16.42 9.61
N GLY A 132 8.70 15.38 9.35
CA GLY A 132 8.26 14.19 8.64
C GLY A 132 7.94 13.00 9.51
N TYR A 133 7.88 11.82 8.88
CA TYR A 133 7.58 10.55 9.50
C TYR A 133 8.81 9.97 10.14
N TYR A 134 8.62 9.25 11.27
CA TYR A 134 9.72 8.66 12.02
C TYR A 134 9.24 7.47 12.87
N ILE A 135 10.18 6.57 13.21
CA ILE A 135 10.02 5.48 14.14
C ILE A 135 10.91 5.83 15.36
N THR A 136 12.13 6.37 15.08
CA THR A 136 13.09 6.82 16.09
C THR A 136 13.40 8.31 15.90
N THR A 137 14.06 8.91 16.88
CA THR A 137 14.51 10.30 16.83
C THR A 137 15.72 10.44 15.90
N ARG A 138 16.33 9.31 15.51
CA ARG A 138 17.52 9.19 14.65
C ARG A 138 17.29 9.78 13.25
N ALA A 139 16.15 9.45 12.62
CA ALA A 139 15.85 9.92 11.28
C ALA A 139 14.38 10.18 11.11
N GLN A 140 14.07 11.17 10.26
CA GLN A 140 12.72 11.53 9.88
C GLN A 140 12.67 11.66 8.33
N PHE A 141 11.52 11.33 7.75
CA PHE A 141 11.35 11.24 6.30
C PHE A 141 10.13 11.99 5.84
N GLU A 142 10.26 12.73 4.73
CA GLU A 142 9.17 13.51 4.14
C GLU A 142 8.02 12.58 3.69
N THR A 143 8.35 11.36 3.21
CA THR A 143 7.34 10.36 2.78
C THR A 143 7.57 8.98 3.37
N LEU A 144 6.54 8.11 3.31
CA LEU A 144 6.62 6.72 3.78
C LEU A 144 7.53 5.90 2.87
N GLN A 145 7.57 6.22 1.55
CA GLN A 145 8.43 5.54 0.55
C GLN A 145 9.92 5.66 0.94
N GLN A 146 10.34 6.87 1.33
CA GLN A 146 11.72 7.18 1.76
C GLN A 146 12.08 6.41 3.04
N LEU A 147 11.09 6.24 3.94
CA LEU A 147 11.29 5.50 5.19
C LEU A 147 11.59 4.02 4.89
N VAL A 148 10.83 3.41 3.94
CA VAL A 148 10.99 2.01 3.51
C VAL A 148 12.38 1.81 2.90
N GLN A 149 12.79 2.72 2.01
CA GLN A 149 14.09 2.67 1.34
C GLN A 149 15.23 2.72 2.37
N HIS A 150 15.10 3.61 3.38
CA HIS A 150 16.08 3.78 4.46
C HIS A 150 16.26 2.50 5.28
N TYR A 151 15.15 1.87 5.73
CA TYR A 151 15.21 0.68 6.57
C TYR A 151 15.32 -0.64 5.75
N SER A 152 15.38 -0.55 4.39
CA SER A 152 15.59 -1.71 3.50
C SER A 152 17.06 -2.12 3.50
N GLU A 153 18.00 -1.14 3.63
CA GLU A 153 19.45 -1.35 3.67
C GLU A 153 19.88 -1.99 5.00
N LYS A 154 19.67 -1.28 6.13
CA LYS A 154 19.99 -1.80 7.47
C LYS A 154 18.81 -1.58 8.43
N ALA A 155 18.67 -2.47 9.43
CA ALA A 155 17.61 -2.46 10.45
C ALA A 155 17.54 -1.12 11.22
N ASP A 156 18.72 -0.55 11.61
CA ASP A 156 18.92 0.75 12.30
C ASP A 156 17.97 0.91 13.53
N GLY A 157 17.99 -0.09 14.41
CA GLY A 157 17.16 -0.10 15.62
C GLY A 157 16.07 -1.15 15.57
N LEU A 158 15.47 -1.38 14.36
CA LEU A 158 14.42 -2.38 14.11
C LEU A 158 14.96 -3.80 14.36
N CYS A 159 14.05 -4.73 14.73
CA CYS A 159 14.32 -6.15 15.00
C CYS A 159 15.10 -6.80 13.84
N PHE A 160 14.71 -6.48 12.60
CA PHE A 160 15.30 -7.00 11.38
C PHE A 160 15.21 -6.00 10.22
N ASN A 161 16.02 -6.27 9.19
CA ASN A 161 16.11 -5.54 7.94
C ASN A 161 14.79 -5.68 7.14
N LEU A 162 14.36 -4.62 6.43
CA LEU A 162 13.13 -4.68 5.63
C LEU A 162 13.41 -5.38 4.28
N THR A 163 12.78 -6.54 4.05
CA THR A 163 12.91 -7.31 2.82
C THR A 163 11.84 -6.76 1.84
N VAL A 164 12.30 -5.92 0.89
CA VAL A 164 11.49 -5.25 -0.12
C VAL A 164 11.67 -6.03 -1.49
NA NA B . -0.76 -1.22 -2.30
CL CL C . -5.65 -9.12 -8.24
CL CL D . -13.36 -9.36 -11.43
C1 GOL E . -2.54 -4.35 -27.83
O1 GOL E . -3.56 -4.61 -26.87
C2 GOL E . -1.73 -3.14 -27.43
O2 GOL E . -1.03 -3.42 -26.20
C3 GOL E . -0.75 -2.67 -28.48
O3 GOL E . -1.38 -2.41 -29.73
C1 GOL F . -11.72 -5.21 -3.08
O1 GOL F . -11.79 -4.02 -3.86
C2 GOL F . -10.65 -6.15 -3.59
O2 GOL F . -10.54 -7.27 -2.72
C3 GOL F . -10.94 -6.63 -4.99
O3 GOL F . -9.95 -7.55 -5.44
#